data_6IKX
#
_entry.id   6IKX
#
_cell.length_a   118.598
_cell.length_b   118.598
_cell.length_c   108.784
_cell.angle_alpha   90.000
_cell.angle_beta   90.000
_cell.angle_gamma   90.000
#
_symmetry.space_group_name_H-M   'P 41 21 2'
#
loop_
_entity.id
_entity.type
_entity.pdbx_description
1 polymer 'UTP--glucose-1-phosphate uridylyltransferase'
2 non-polymer GLYCEROL
3 non-polymer 'SULFATE ION'
4 non-polymer 1,2-ETHANEDIOL
5 water water
#
_entity_poly.entity_id   1
_entity_poly.type   'polypeptide(L)'
_entity_poly.pdbx_seq_one_letter_code
;MIKKAVLPVAGLGTRFLPASKSIPKEMVTVVDRPAIEYVVREAVEAGIEQIILVTHSSKASIENYFDRNFELETTLEQKK
KFDLLAEITQIVPEHVSVISVRQPQPLGLGHAVLCAKSVVGEDDFAVLLPDVLVKDGSGQNDLSRMISRYNSSQAAQIMV
EAVPDHLVDQYGIVDVAQSPNEGESIAMQGIVEKPPVGAAPSNLSVVGRYVLPAKIMQLLENTPKGAGNEIQLTDAIAML
QDTDTVEAYRMQGQTFDCGSKLGYLKAVLHYGLEHPKLGMEFKQLILELK
;
_entity_poly.pdbx_strand_id   A,B
#
loop_
_chem_comp.id
_chem_comp.type
_chem_comp.name
_chem_comp.formula
EDO non-polymer 1,2-ETHANEDIOL 'C2 H6 O2'
GOL non-polymer GLYCEROL 'C3 H8 O3'
SO4 non-polymer 'SULFATE ION' 'O4 S -2'
#
# COMPACT_ATOMS: atom_id res chain seq x y z
N MET A 1 -24.17 20.40 -14.01
CA MET A 1 -25.11 20.58 -12.86
C MET A 1 -24.35 20.33 -11.54
N ILE A 2 -24.07 19.07 -11.16
CA ILE A 2 -23.20 18.74 -9.99
C ILE A 2 -21.75 18.58 -10.48
N LYS A 3 -20.89 19.55 -10.17
CA LYS A 3 -19.48 19.63 -10.63
C LYS A 3 -18.46 19.47 -9.47
N LYS A 4 -18.90 19.62 -8.22
CA LYS A 4 -18.04 19.55 -7.00
C LYS A 4 -18.30 18.29 -6.15
N ALA A 5 -17.25 17.73 -5.56
CA ALA A 5 -17.31 16.59 -4.63
C ALA A 5 -16.33 16.85 -3.50
N VAL A 6 -16.78 16.65 -2.27
CA VAL A 6 -15.96 16.72 -1.03
C VAL A 6 -15.51 15.30 -0.67
N LEU A 7 -14.20 15.02 -0.67
CA LEU A 7 -13.68 13.70 -0.21
C LEU A 7 -13.08 13.94 1.16
N PRO A 8 -13.72 13.53 2.25
CA PRO A 8 -13.23 13.85 3.59
C PRO A 8 -12.16 12.79 3.91
N VAL A 9 -10.89 13.17 3.92
CA VAL A 9 -9.72 12.22 3.99
C VAL A 9 -8.76 12.64 5.14
N ALA A 10 -9.26 13.22 6.23
CA ALA A 10 -8.43 13.70 7.37
C ALA A 10 -8.37 12.69 8.52
N GLY A 11 -9.02 11.52 8.46
CA GLY A 11 -8.90 10.47 9.50
C GLY A 11 -7.45 10.08 9.76
N LEU A 12 -7.08 9.44 10.88
CA LEU A 12 -5.68 8.97 11.12
C LEU A 12 -5.53 7.47 10.83
N GLY A 13 -6.61 6.86 10.34
CA GLY A 13 -6.63 5.46 9.90
C GLY A 13 -6.39 4.50 11.05
N THR A 14 -7.21 4.58 12.11
CA THR A 14 -7.08 3.71 13.27
C THR A 14 -7.47 2.32 12.92
N ARG A 15 -8.46 2.21 12.08
CA ARG A 15 -8.79 0.95 11.44
C ARG A 15 -7.68 0.79 10.33
N PHE A 16 -7.30 -0.44 10.01
CA PHE A 16 -6.21 -0.81 9.05
C PHE A 16 -4.94 -0.20 9.61
N LEU A 17 -4.64 -0.49 10.86
CA LEU A 17 -3.58 0.21 11.53
C LEU A 17 -2.12 0.10 11.31
N PRO A 18 -1.54 -1.09 11.17
CA PRO A 18 -0.11 -1.11 10.91
C PRO A 18 0.12 -0.40 9.56
N ALA A 19 -0.68 -0.73 8.55
CA ALA A 19 -0.55 -0.22 7.15
C ALA A 19 -0.67 1.31 7.09
N SER A 20 -1.51 1.93 7.92
CA SER A 20 -1.88 3.38 7.90
C SER A 20 -1.04 4.14 8.90
N LYS A 21 -0.06 3.48 9.50
CA LYS A 21 0.68 4.11 10.61
C LYS A 21 1.41 5.29 10.04
N SER A 22 2.15 5.07 8.95
CA SER A 22 3.05 6.12 8.42
C SER A 22 2.69 6.50 7.00
N ILE A 23 1.59 6.00 6.41
CA ILE A 23 1.06 6.54 5.14
C ILE A 23 -0.43 6.72 5.29
N PRO A 24 -1.07 7.60 4.51
CA PRO A 24 -2.53 7.68 4.56
C PRO A 24 -3.22 6.34 4.32
N LYS A 25 -4.32 6.06 5.03
CA LYS A 25 -5.23 4.92 4.68
C LYS A 25 -5.59 5.03 3.20
N GLU A 26 -5.78 6.25 2.68
CA GLU A 26 -6.23 6.51 1.29
C GLU A 26 -5.15 6.04 0.30
N MET A 27 -3.88 5.92 0.75
CA MET A 27 -2.70 5.61 -0.10
C MET A 27 -2.35 4.13 -0.05
N VAL A 28 -3.22 3.35 0.57
CA VAL A 28 -3.06 1.88 0.70
C VAL A 28 -3.31 1.21 -0.66
N THR A 29 -2.43 0.31 -1.04
CA THR A 29 -2.36 -0.15 -2.45
C THR A 29 -3.41 -1.22 -2.64
N VAL A 30 -4.18 -1.08 -3.70
CA VAL A 30 -5.27 -2.02 -4.05
C VAL A 30 -4.95 -2.54 -5.44
N VAL A 31 -4.30 -3.70 -5.49
CA VAL A 31 -3.72 -4.31 -6.72
C VAL A 31 -2.42 -3.56 -7.05
N ASP A 32 -2.51 -2.42 -7.72
CA ASP A 32 -1.30 -1.72 -8.19
C ASP A 32 -1.44 -0.20 -8.10
N ARG A 33 -2.49 0.35 -7.44
CA ARG A 33 -2.61 1.81 -7.23
C ARG A 33 -3.27 2.14 -5.88
N PRO A 34 -3.09 3.33 -5.30
CA PRO A 34 -3.73 3.63 -4.02
C PRO A 34 -5.28 3.65 -4.12
N ALA A 35 -5.94 3.32 -3.02
CA ALA A 35 -7.41 3.17 -2.92
C ALA A 35 -8.09 4.45 -3.45
N ILE A 36 -7.53 5.62 -3.12
CA ILE A 36 -8.12 6.96 -3.43
C ILE A 36 -8.30 7.07 -4.94
N GLU A 37 -7.41 6.46 -5.74
CA GLU A 37 -7.48 6.62 -7.20
C GLU A 37 -8.84 6.16 -7.70
N TYR A 38 -9.39 5.14 -7.05
CA TYR A 38 -10.60 4.43 -7.50
C TYR A 38 -11.82 5.32 -7.24
N VAL A 39 -11.74 6.13 -6.17
CA VAL A 39 -12.81 7.02 -5.65
C VAL A 39 -12.80 8.28 -6.50
N VAL A 40 -11.61 8.74 -6.88
CA VAL A 40 -11.48 9.94 -7.73
C VAL A 40 -11.92 9.53 -9.15
N ARG A 41 -11.54 8.33 -9.63
CA ARG A 41 -11.97 7.84 -10.97
C ARG A 41 -13.53 7.81 -10.98
N GLU A 42 -14.17 7.24 -9.95
CA GLU A 42 -15.65 7.14 -9.83
C GLU A 42 -16.29 8.54 -9.95
N ALA A 43 -15.76 9.54 -9.23
CA ALA A 43 -16.28 10.93 -9.21
C ALA A 43 -16.24 11.55 -10.61
N VAL A 44 -15.06 11.48 -11.23
CA VAL A 44 -14.73 12.11 -12.52
C VAL A 44 -15.63 11.52 -13.60
N GLU A 45 -15.90 10.22 -13.52
CA GLU A 45 -16.76 9.47 -14.46
C GLU A 45 -18.26 9.63 -14.16
N ALA A 46 -18.63 10.46 -13.17
CA ALA A 46 -20.01 10.93 -12.94
C ALA A 46 -20.10 12.44 -13.18
N GLY A 47 -19.05 12.98 -13.83
CA GLY A 47 -18.97 14.36 -14.32
C GLY A 47 -18.46 15.32 -13.27
N ILE A 48 -17.82 14.83 -12.20
CA ILE A 48 -17.21 15.77 -11.21
C ILE A 48 -15.98 16.39 -11.87
N GLU A 49 -15.75 17.66 -11.56
CA GLU A 49 -14.67 18.48 -12.15
C GLU A 49 -13.73 19.05 -11.09
N GLN A 50 -14.23 19.27 -9.88
CA GLN A 50 -13.49 19.85 -8.73
C GLN A 50 -13.54 18.84 -7.57
N ILE A 51 -12.39 18.20 -7.32
CA ILE A 51 -12.15 17.24 -6.20
C ILE A 51 -11.72 18.08 -4.99
N ILE A 52 -12.55 18.14 -3.95
CA ILE A 52 -12.26 18.95 -2.74
C ILE A 52 -11.84 18.00 -1.63
N LEU A 53 -10.53 17.80 -1.44
CA LEU A 53 -9.97 16.90 -0.38
C LEU A 53 -10.02 17.67 0.97
N VAL A 54 -10.77 17.19 1.97
CA VAL A 54 -10.67 17.76 3.35
C VAL A 54 -9.60 16.95 4.05
N THR A 55 -8.46 17.56 4.36
CA THR A 55 -7.26 16.74 4.67
C THR A 55 -6.62 17.09 6.03
N HIS A 56 -5.65 16.28 6.38
CA HIS A 56 -4.82 16.37 7.60
C HIS A 56 -3.39 16.66 7.13
N SER A 57 -2.66 17.39 7.98
CA SER A 57 -1.22 17.72 7.86
C SER A 57 -0.35 16.47 7.59
N SER A 58 -0.81 15.27 7.87
CA SER A 58 -0.02 14.02 7.60
C SER A 58 -0.28 13.44 6.20
N LYS A 59 -1.13 14.04 5.38
CA LYS A 59 -1.70 13.40 4.16
C LYS A 59 -1.22 14.06 2.84
N ALA A 60 0.01 14.62 2.81
CA ALA A 60 0.61 15.26 1.61
C ALA A 60 0.66 14.24 0.46
N SER A 61 0.93 12.97 0.73
CA SER A 61 1.12 11.98 -0.35
C SER A 61 -0.17 11.85 -1.18
N ILE A 62 -1.34 12.18 -0.62
CA ILE A 62 -2.60 12.16 -1.40
C ILE A 62 -2.56 13.30 -2.43
N GLU A 63 -2.27 14.52 -2.02
CA GLU A 63 -2.15 15.68 -2.91
C GLU A 63 -1.05 15.41 -3.95
N ASN A 64 0.03 14.74 -3.53
CA ASN A 64 1.21 14.53 -4.38
C ASN A 64 0.84 13.52 -5.50
N TYR A 65 -0.05 12.59 -5.20
CA TYR A 65 -0.53 11.57 -6.17
C TYR A 65 -1.18 12.27 -7.37
N PHE A 66 -1.83 13.44 -7.20
CA PHE A 66 -2.63 14.07 -8.30
C PHE A 66 -1.87 15.25 -8.88
N ASP A 67 -0.63 15.48 -8.42
CA ASP A 67 0.33 16.52 -8.87
C ASP A 67 1.43 15.86 -9.73
N ARG A 68 2.25 16.66 -10.40
CA ARG A 68 3.42 16.17 -11.15
C ARG A 68 4.62 16.06 -10.21
N ASN A 69 5.50 15.15 -10.54
CA ASN A 69 6.73 14.85 -9.76
C ASN A 69 7.94 14.99 -10.71
N PHE A 70 8.74 16.02 -10.52
CA PHE A 70 9.88 16.34 -11.43
C PHE A 70 10.86 15.17 -11.50
N GLU A 71 11.43 14.77 -10.37
CA GLU A 71 12.45 13.68 -10.28
C GLU A 71 11.86 12.38 -10.80
N LEU A 72 10.59 12.10 -10.60
CA LEU A 72 10.09 10.76 -10.98
C LEU A 72 10.05 10.66 -12.51
N GLU A 73 9.56 11.72 -13.14
CA GLU A 73 9.35 11.84 -14.59
C GLU A 73 10.71 11.78 -15.29
N THR A 74 11.71 12.53 -14.84
CA THR A 74 13.01 12.55 -15.51
C THR A 74 13.66 11.17 -15.32
N THR A 75 13.49 10.49 -14.20
CA THR A 75 13.95 9.09 -14.07
C THR A 75 13.28 8.27 -15.17
N LEU A 76 11.96 8.42 -15.36
CA LEU A 76 11.14 7.63 -16.33
C LEU A 76 11.56 7.93 -17.79
N GLU A 77 11.88 9.18 -18.10
CA GLU A 77 12.41 9.59 -19.43
C GLU A 77 13.79 8.95 -19.68
N GLN A 78 14.76 9.23 -18.82
CA GLN A 78 16.14 8.65 -18.88
C GLN A 78 16.11 7.15 -19.13
N LYS A 79 15.10 6.40 -18.66
CA LYS A 79 14.99 4.94 -18.91
C LYS A 79 14.02 4.69 -20.08
N LYS A 80 13.62 5.76 -20.76
CA LYS A 80 12.71 5.68 -21.93
C LYS A 80 11.47 4.86 -21.56
N LYS A 81 11.00 4.91 -20.32
CA LYS A 81 9.70 4.25 -19.97
C LYS A 81 8.57 5.22 -20.35
N PHE A 82 8.41 5.51 -21.64
CA PHE A 82 7.59 6.64 -22.18
C PHE A 82 6.10 6.39 -21.99
N ASP A 83 5.60 5.14 -22.15
CA ASP A 83 4.16 4.82 -21.98
C ASP A 83 3.81 5.01 -20.49
N LEU A 84 4.75 4.78 -19.58
CA LEU A 84 4.50 4.85 -18.12
C LEU A 84 4.37 6.33 -17.74
N LEU A 85 5.39 7.11 -18.10
CA LEU A 85 5.41 8.56 -17.89
C LEU A 85 4.10 9.20 -18.38
N ALA A 86 3.49 8.61 -19.41
CA ALA A 86 2.24 9.14 -19.99
C ALA A 86 1.07 8.80 -19.06
N GLU A 87 1.11 7.61 -18.45
CA GLU A 87 0.08 7.11 -17.50
C GLU A 87 0.13 7.95 -16.22
N ILE A 88 1.32 8.17 -15.64
CA ILE A 88 1.48 8.80 -14.29
C ILE A 88 1.43 10.33 -14.41
N THR A 89 1.35 10.83 -15.64
CA THR A 89 1.30 12.28 -15.98
C THR A 89 -0.15 12.76 -16.10
N GLN A 90 -1.10 11.89 -16.41
CA GLN A 90 -2.51 12.31 -16.54
C GLN A 90 -3.41 11.31 -15.80
N ILE A 91 -3.21 11.21 -14.49
CA ILE A 91 -4.07 10.40 -13.59
C ILE A 91 -5.47 10.99 -13.63
N VAL A 92 -5.60 12.31 -13.66
CA VAL A 92 -6.93 12.95 -13.84
C VAL A 92 -6.93 13.76 -15.14
N PRO A 93 -8.11 13.94 -15.77
CA PRO A 93 -8.22 14.75 -16.98
C PRO A 93 -7.82 16.23 -16.79
N GLU A 94 -7.64 16.92 -17.91
CA GLU A 94 -7.15 18.33 -18.00
C GLU A 94 -8.11 19.26 -17.27
N HIS A 95 -9.41 19.10 -17.47
CA HIS A 95 -10.51 19.93 -16.89
C HIS A 95 -10.82 19.65 -15.39
N VAL A 96 -10.12 18.74 -14.72
CA VAL A 96 -10.41 18.37 -13.31
C VAL A 96 -9.33 19.02 -12.43
N SER A 97 -9.74 19.80 -11.44
CA SER A 97 -8.82 20.41 -10.47
C SER A 97 -8.94 19.63 -9.16
N VAL A 98 -7.85 19.46 -8.42
CA VAL A 98 -7.86 18.86 -7.06
C VAL A 98 -7.50 19.96 -6.06
N ILE A 99 -8.33 20.17 -5.04
CA ILE A 99 -8.28 21.32 -4.09
C ILE A 99 -8.08 20.78 -2.68
N SER A 100 -7.36 21.50 -1.83
CA SER A 100 -7.14 21.08 -0.43
C SER A 100 -7.67 22.12 0.55
N VAL A 101 -8.31 21.63 1.60
CA VAL A 101 -8.60 22.41 2.82
C VAL A 101 -8.37 21.47 3.99
N ARG A 102 -7.93 22.03 5.10
CA ARG A 102 -7.56 21.28 6.33
C ARG A 102 -8.76 21.17 7.26
N GLN A 103 -9.07 19.96 7.72
CA GLN A 103 -9.88 19.75 8.95
C GLN A 103 -8.98 20.02 10.16
N PRO A 104 -9.08 21.18 10.85
CA PRO A 104 -8.10 21.55 11.87
C PRO A 104 -8.00 20.58 13.06
N GLN A 105 -9.14 20.01 13.48
CA GLN A 105 -9.23 18.90 14.47
C GLN A 105 -10.17 17.83 13.95
N PRO A 106 -9.95 16.58 14.39
CA PRO A 106 -10.76 15.44 13.95
C PRO A 106 -12.11 15.33 14.66
N LEU A 107 -13.06 16.17 14.31
CA LEU A 107 -14.34 16.29 15.04
C LEU A 107 -15.48 15.69 14.20
N GLY A 108 -15.18 14.71 13.34
CA GLY A 108 -16.18 13.92 12.58
C GLY A 108 -16.57 14.46 11.19
N LEU A 109 -17.34 13.64 10.47
CA LEU A 109 -17.73 13.76 9.04
C LEU A 109 -18.49 15.07 8.81
N GLY A 110 -19.39 15.45 9.70
CA GLY A 110 -20.18 16.67 9.55
C GLY A 110 -19.24 17.85 9.54
N HIS A 111 -18.31 17.86 10.48
CA HIS A 111 -17.31 18.94 10.68
C HIS A 111 -16.38 19.01 9.46
N ALA A 112 -16.00 17.84 8.92
CA ALA A 112 -15.19 17.70 7.69
C ALA A 112 -15.91 18.39 6.52
N VAL A 113 -17.16 18.03 6.27
CA VAL A 113 -17.97 18.64 5.18
C VAL A 113 -18.06 20.15 5.42
N LEU A 114 -18.29 20.60 6.66
CA LEU A 114 -18.37 22.05 6.98
C LEU A 114 -17.05 22.78 6.63
N CYS A 115 -15.90 22.12 6.80
CA CYS A 115 -14.54 22.66 6.47
C CYS A 115 -14.45 23.05 5.00
N ALA A 116 -15.20 22.40 4.12
CA ALA A 116 -15.23 22.74 2.69
C ALA A 116 -16.28 23.81 2.36
N LYS A 117 -16.76 24.61 3.30
CA LYS A 117 -17.91 25.50 3.01
C LYS A 117 -17.50 26.54 1.96
N SER A 118 -16.40 27.24 2.22
CA SER A 118 -15.83 28.33 1.41
C SER A 118 -15.63 27.87 -0.02
N VAL A 119 -15.15 26.64 -0.20
CA VAL A 119 -14.88 26.06 -1.53
C VAL A 119 -16.21 25.64 -2.14
N VAL A 120 -17.17 25.13 -1.37
CA VAL A 120 -18.47 24.70 -1.98
C VAL A 120 -19.33 25.92 -2.40
N GLY A 121 -19.24 27.03 -1.65
CA GLY A 121 -20.06 28.24 -1.88
C GLY A 121 -21.54 27.91 -2.01
N GLU A 122 -22.22 28.45 -3.03
CA GLU A 122 -23.69 28.28 -3.21
C GLU A 122 -23.96 27.03 -4.08
N ASP A 123 -22.95 26.25 -4.49
CA ASP A 123 -23.15 25.03 -5.34
C ASP A 123 -23.72 23.85 -4.55
N ASP A 124 -24.43 22.97 -5.25
CA ASP A 124 -24.92 21.66 -4.77
C ASP A 124 -23.76 20.70 -5.02
N PHE A 125 -23.57 19.64 -4.22
CA PHE A 125 -22.25 18.94 -4.26
C PHE A 125 -22.36 17.50 -3.80
N ALA A 126 -21.40 16.69 -4.19
CA ALA A 126 -21.39 15.27 -3.79
C ALA A 126 -20.41 15.12 -2.61
N VAL A 127 -20.59 14.10 -1.77
CA VAL A 127 -19.62 13.66 -0.72
C VAL A 127 -19.26 12.20 -1.03
N LEU A 128 -17.97 11.92 -1.18
CA LEU A 128 -17.44 10.54 -1.39
C LEU A 128 -16.64 10.23 -0.13
N LEU A 129 -17.06 9.25 0.67
CA LEU A 129 -16.19 8.68 1.73
C LEU A 129 -15.25 7.69 1.04
N PRO A 130 -13.95 7.99 1.03
CA PRO A 130 -12.97 7.22 0.25
C PRO A 130 -12.48 5.88 0.85
N ASP A 131 -12.85 5.55 2.08
CA ASP A 131 -12.58 4.19 2.65
C ASP A 131 -13.54 3.19 1.98
N VAL A 132 -14.58 3.66 1.28
CA VAL A 132 -15.50 2.76 0.52
C VAL A 132 -15.26 2.91 -0.99
N LEU A 133 -14.93 1.78 -1.65
CA LEU A 133 -14.83 1.62 -3.11
C LEU A 133 -16.18 1.10 -3.59
N VAL A 134 -16.71 1.62 -4.71
CA VAL A 134 -17.89 1.05 -5.42
C VAL A 134 -17.42 0.54 -6.79
N LYS A 135 -17.69 -0.72 -7.11
CA LYS A 135 -17.44 -1.37 -8.42
C LYS A 135 -18.77 -1.38 -9.16
N ASP A 136 -18.79 -1.04 -10.46
CA ASP A 136 -20.04 -0.66 -11.16
C ASP A 136 -20.62 -1.87 -11.89
N GLY A 137 -19.85 -2.45 -12.83
CA GLY A 137 -20.34 -3.52 -13.74
C GLY A 137 -21.18 -3.02 -14.92
N SER A 138 -22.18 -2.17 -14.69
CA SER A 138 -23.26 -1.91 -15.67
C SER A 138 -22.84 -0.98 -16.81
N GLY A 139 -21.75 -0.19 -16.68
CA GLY A 139 -21.38 0.86 -17.64
C GLY A 139 -21.78 2.29 -17.22
N GLN A 140 -22.73 2.47 -16.31
CA GLN A 140 -23.03 3.80 -15.69
C GLN A 140 -22.94 3.65 -14.16
N ASN A 141 -21.98 4.31 -13.53
CA ASN A 141 -21.71 4.10 -12.08
C ASN A 141 -22.91 4.65 -11.28
N ASP A 142 -23.16 4.08 -10.11
CA ASP A 142 -24.19 4.53 -9.14
C ASP A 142 -24.07 6.04 -8.84
N LEU A 143 -22.88 6.62 -8.75
CA LEU A 143 -22.80 8.05 -8.36
C LEU A 143 -23.47 8.91 -9.45
N SER A 144 -23.29 8.53 -10.71
CA SER A 144 -23.86 9.25 -11.87
C SER A 144 -25.37 9.05 -11.88
N ARG A 145 -25.84 7.81 -11.73
CA ARG A 145 -27.29 7.55 -11.61
C ARG A 145 -27.88 8.45 -10.54
N MET A 146 -27.25 8.42 -9.36
CA MET A 146 -27.72 9.13 -8.14
C MET A 146 -27.69 10.66 -8.34
N ILE A 147 -26.67 11.23 -9.00
CA ILE A 147 -26.58 12.70 -9.29
C ILE A 147 -27.76 13.09 -10.20
N SER A 148 -28.03 12.29 -11.24
CA SER A 148 -29.10 12.61 -12.21
C SER A 148 -30.44 12.60 -11.45
N ARG A 149 -30.71 11.56 -10.69
CA ARG A 149 -31.89 11.62 -9.81
C ARG A 149 -31.88 12.95 -9.02
N TYR A 150 -30.74 13.43 -8.53
CA TYR A 150 -30.73 14.65 -7.67
C TYR A 150 -31.16 15.84 -8.53
N ASN A 151 -30.62 15.89 -9.75
CA ASN A 151 -30.86 16.93 -10.78
C ASN A 151 -32.38 16.97 -11.03
N SER A 152 -32.93 15.87 -11.56
CA SER A 152 -34.37 15.59 -11.75
C SER A 152 -35.19 16.04 -10.52
N SER A 153 -34.93 15.49 -9.34
CA SER A 153 -35.83 15.58 -8.14
C SER A 153 -35.58 16.85 -7.31
N GLN A 154 -34.35 17.36 -7.28
CA GLN A 154 -33.93 18.45 -6.36
C GLN A 154 -34.15 17.99 -4.91
N ALA A 155 -34.14 16.67 -4.68
CA ALA A 155 -34.17 16.00 -3.35
C ALA A 155 -32.78 15.43 -3.04
N ALA A 156 -32.29 15.64 -1.82
CA ALA A 156 -30.97 15.13 -1.39
C ALA A 156 -30.99 13.60 -1.57
N GLN A 157 -29.85 13.04 -1.91
CA GLN A 157 -29.68 11.58 -2.17
C GLN A 157 -28.69 11.05 -1.13
N ILE A 158 -29.07 9.93 -0.50
CA ILE A 158 -28.20 9.09 0.36
C ILE A 158 -28.09 7.72 -0.31
N MET A 159 -26.91 7.35 -0.76
CA MET A 159 -26.71 6.02 -1.39
C MET A 159 -26.82 4.95 -0.28
N VAL A 160 -27.56 3.87 -0.56
CA VAL A 160 -27.80 2.72 0.37
C VAL A 160 -27.64 1.41 -0.41
N GLU A 161 -27.46 0.31 0.31
CA GLU A 161 -27.33 -1.03 -0.33
C GLU A 161 -27.91 -2.09 0.60
N ALA A 162 -28.76 -2.97 0.06
CA ALA A 162 -29.33 -4.15 0.76
C ALA A 162 -28.19 -4.95 1.39
N VAL A 163 -28.28 -5.24 2.70
CA VAL A 163 -27.35 -6.15 3.45
C VAL A 163 -28.20 -7.30 4.04
N PRO A 164 -27.60 -8.46 4.38
CA PRO A 164 -28.33 -9.53 5.07
C PRO A 164 -29.02 -9.10 6.38
N ASP A 165 -30.26 -9.58 6.62
CA ASP A 165 -31.14 -9.24 7.77
C ASP A 165 -30.38 -9.37 9.11
N HIS A 166 -29.63 -10.45 9.24
CA HIS A 166 -28.94 -10.85 10.50
C HIS A 166 -27.63 -10.07 10.72
N LEU A 167 -27.29 -9.10 9.85
CA LEU A 167 -26.06 -8.25 9.90
C LEU A 167 -26.42 -6.74 9.86
N VAL A 168 -27.64 -6.35 10.19
CA VAL A 168 -28.11 -4.94 10.04
C VAL A 168 -27.61 -4.09 11.22
N ASP A 169 -27.11 -4.72 12.29
CA ASP A 169 -26.66 -4.02 13.52
C ASP A 169 -25.21 -3.56 13.32
N GLN A 170 -24.66 -3.73 12.11
CA GLN A 170 -23.30 -3.26 11.72
C GLN A 170 -23.36 -1.92 11.00
N TYR A 171 -24.55 -1.39 10.69
CA TYR A 171 -24.68 -0.31 9.70
C TYR A 171 -25.53 0.83 10.26
N GLY A 172 -25.30 2.05 9.76
CA GLY A 172 -26.37 3.06 9.65
C GLY A 172 -27.42 2.53 8.70
N ILE A 173 -28.70 2.53 9.09
CA ILE A 173 -29.83 1.94 8.30
C ILE A 173 -30.89 3.02 8.06
N VAL A 174 -31.41 3.15 6.84
CA VAL A 174 -32.41 4.22 6.53
C VAL A 174 -33.82 3.73 6.88
N ASP A 175 -34.62 4.67 7.35
CA ASP A 175 -36.09 4.62 7.49
C ASP A 175 -36.73 4.92 6.12
N VAL A 176 -37.25 3.91 5.43
CA VAL A 176 -38.12 4.10 4.24
C VAL A 176 -39.41 3.28 4.41
N ALA A 177 -40.49 3.62 3.71
CA ALA A 177 -41.76 2.84 3.75
C ALA A 177 -41.49 1.45 3.16
N GLN A 178 -41.23 1.35 1.86
CA GLN A 178 -40.65 0.14 1.22
C GLN A 178 -39.21 0.44 0.82
N SER A 179 -38.53 -0.55 0.27
CA SER A 179 -37.21 -0.44 -0.39
C SER A 179 -37.45 -0.11 -1.86
N PRO A 180 -36.68 0.83 -2.44
CA PRO A 180 -36.75 1.05 -3.89
C PRO A 180 -36.19 -0.12 -4.71
N ASN A 181 -36.36 -0.12 -6.03
CA ASN A 181 -35.57 -1.02 -6.91
C ASN A 181 -34.13 -0.52 -6.96
N GLU A 182 -33.17 -1.42 -7.26
CA GLU A 182 -31.76 -1.04 -7.52
C GLU A 182 -31.74 0.06 -8.58
N GLY A 183 -30.83 1.04 -8.43
CA GLY A 183 -30.71 2.19 -9.33
C GLY A 183 -31.92 3.11 -9.22
N GLU A 184 -32.75 3.02 -8.17
CA GLU A 184 -33.92 3.94 -7.99
C GLU A 184 -33.92 4.53 -6.58
N SER A 185 -34.70 5.59 -6.36
CA SER A 185 -34.76 6.32 -5.08
C SER A 185 -36.17 6.27 -4.46
N ILE A 186 -36.27 6.34 -3.14
CA ILE A 186 -37.54 6.60 -2.40
C ILE A 186 -37.24 7.61 -1.31
N ALA A 187 -38.24 8.41 -0.95
CA ALA A 187 -38.19 9.32 0.19
C ALA A 187 -37.83 8.51 1.43
N MET A 188 -37.04 9.10 2.33
CA MET A 188 -36.57 8.49 3.59
C MET A 188 -36.75 9.51 4.73
N GLN A 189 -37.07 9.02 5.93
CA GLN A 189 -37.46 9.89 7.09
C GLN A 189 -36.34 9.97 8.12
N GLY A 190 -35.31 9.14 8.05
CA GLY A 190 -34.19 9.22 9.02
C GLY A 190 -33.20 8.09 8.83
N ILE A 191 -32.15 8.04 9.62
CA ILE A 191 -31.22 6.87 9.62
C ILE A 191 -30.96 6.44 11.08
N VAL A 192 -30.99 5.15 11.34
CA VAL A 192 -30.75 4.54 12.68
C VAL A 192 -29.33 3.95 12.65
N GLU A 193 -28.43 4.46 13.50
CA GLU A 193 -27.11 3.82 13.80
C GLU A 193 -27.28 2.40 14.38
N LYS A 194 -26.82 1.38 13.66
CA LYS A 194 -26.64 -0.02 14.18
C LYS A 194 -27.90 -0.42 14.93
N PRO A 195 -29.05 -0.56 14.24
CA PRO A 195 -30.28 -0.97 14.92
C PRO A 195 -30.12 -2.46 15.28
N PRO A 196 -30.72 -2.92 16.40
CA PRO A 196 -30.75 -4.35 16.74
C PRO A 196 -31.39 -5.26 15.67
N VAL A 197 -30.80 -6.43 15.46
CA VAL A 197 -31.19 -7.40 14.39
C VAL A 197 -32.69 -7.64 14.42
N GLY A 198 -33.32 -7.60 15.59
CA GLY A 198 -34.79 -7.59 15.67
C GLY A 198 -35.42 -6.39 14.96
N ALA A 199 -34.91 -5.16 15.12
CA ALA A 199 -35.70 -3.90 15.09
C ALA A 199 -35.12 -2.86 14.12
N ALA A 200 -34.79 -3.27 12.89
CA ALA A 200 -34.25 -2.39 11.82
C ALA A 200 -35.39 -1.87 10.95
N PRO A 201 -35.45 -0.54 10.68
CA PRO A 201 -36.49 0.05 9.84
C PRO A 201 -36.51 -0.48 8.40
N SER A 202 -35.39 -1.02 7.93
CA SER A 202 -35.20 -1.65 6.60
C SER A 202 -33.92 -2.50 6.62
N ASN A 203 -33.53 -3.09 5.48
CA ASN A 203 -32.22 -3.76 5.33
C ASN A 203 -31.28 -2.90 4.45
N LEU A 204 -31.56 -1.59 4.37
CA LEU A 204 -30.88 -0.63 3.46
C LEU A 204 -29.82 0.17 4.24
N SER A 205 -28.52 -0.09 3.96
CA SER A 205 -27.36 0.48 4.69
C SER A 205 -26.83 1.73 3.99
N VAL A 206 -26.47 2.76 4.76
CA VAL A 206 -25.78 3.97 4.27
C VAL A 206 -24.38 3.60 3.78
N VAL A 207 -24.02 3.91 2.53
CA VAL A 207 -22.73 3.42 1.96
C VAL A 207 -21.64 4.50 2.10
N GLY A 208 -21.97 5.79 2.18
CA GLY A 208 -20.96 6.87 2.17
C GLY A 208 -20.83 7.54 0.81
N ARG A 209 -21.96 7.69 0.10
CA ARG A 209 -22.13 8.54 -1.10
C ARG A 209 -23.37 9.43 -0.90
N TYR A 210 -23.20 10.72 -1.10
CA TYR A 210 -24.24 11.74 -0.87
C TYR A 210 -24.21 12.75 -2.02
N VAL A 211 -25.39 13.24 -2.38
CA VAL A 211 -25.54 14.53 -3.10
C VAL A 211 -26.46 15.38 -2.23
N LEU A 212 -26.01 16.57 -1.87
CA LEU A 212 -26.60 17.46 -0.84
C LEU A 212 -26.66 18.86 -1.42
N PRO A 213 -27.63 19.67 -1.01
CA PRO A 213 -27.61 21.09 -1.32
C PRO A 213 -26.64 21.86 -0.42
N ALA A 214 -26.29 23.06 -0.84
CA ALA A 214 -25.34 23.97 -0.16
C ALA A 214 -25.91 24.41 1.17
N LYS A 215 -27.25 24.50 1.24
CA LYS A 215 -28.05 24.69 2.49
C LYS A 215 -27.33 23.96 3.61
N ILE A 216 -26.89 22.71 3.35
CA ILE A 216 -26.42 21.71 4.36
C ILE A 216 -25.35 22.36 5.22
N MET A 217 -24.61 23.34 4.72
CA MET A 217 -23.45 23.95 5.44
C MET A 217 -23.92 24.81 6.60
N GLN A 218 -25.08 25.48 6.45
CA GLN A 218 -25.66 26.34 7.52
C GLN A 218 -26.38 25.43 8.50
N LEU A 219 -26.93 24.36 7.98
CA LEU A 219 -27.45 23.29 8.84
C LEU A 219 -26.31 22.72 9.69
N LEU A 220 -25.14 22.38 9.13
CA LEU A 220 -23.99 21.79 9.91
C LEU A 220 -23.50 22.81 10.95
N GLU A 221 -23.58 24.11 10.68
CA GLU A 221 -23.18 25.17 11.64
C GLU A 221 -24.15 25.23 12.83
N ASN A 222 -25.28 24.50 12.79
CA ASN A 222 -26.39 24.65 13.77
C ASN A 222 -26.81 23.28 14.34
N THR A 223 -25.95 22.27 14.30
CA THR A 223 -26.26 20.90 14.81
C THR A 223 -26.00 20.82 16.31
N PRO A 224 -27.05 20.60 17.13
CA PRO A 224 -26.91 20.33 18.56
C PRO A 224 -25.49 20.31 19.15
N GLU A 230 -18.27 16.76 17.93
CA GLU A 230 -18.82 15.58 17.21
C GLU A 230 -20.04 16.06 16.41
N ILE A 231 -19.83 17.00 15.47
CA ILE A 231 -20.85 17.53 14.52
C ILE A 231 -21.21 16.40 13.55
N GLN A 232 -22.50 16.03 13.50
CA GLN A 232 -23.07 14.78 12.95
C GLN A 232 -23.85 15.09 11.64
N LEU A 233 -23.33 14.69 10.48
CA LEU A 233 -24.02 14.83 9.17
C LEU A 233 -25.48 14.32 9.22
N THR A 234 -25.75 13.18 9.84
CA THR A 234 -27.08 12.50 9.84
C THR A 234 -28.16 13.39 10.44
N ASP A 235 -27.79 14.28 11.38
CA ASP A 235 -28.78 15.19 12.01
C ASP A 235 -28.72 16.60 11.39
N ALA A 236 -27.71 16.93 10.60
CA ALA A 236 -27.82 18.04 9.63
C ALA A 236 -28.86 17.65 8.56
N ILE A 237 -28.85 16.39 8.13
CA ILE A 237 -29.81 15.84 7.13
C ILE A 237 -31.19 15.75 7.78
N ALA A 238 -31.27 15.23 9.01
CA ALA A 238 -32.52 15.33 9.80
C ALA A 238 -33.07 16.76 9.70
N MET A 239 -32.26 17.80 9.94
CA MET A 239 -32.70 19.22 9.97
C MET A 239 -33.19 19.66 8.57
N LEU A 240 -32.58 19.13 7.52
CA LEU A 240 -32.93 19.44 6.12
C LEU A 240 -34.33 18.87 5.83
N GLN A 241 -34.73 17.82 6.53
CA GLN A 241 -36.05 17.13 6.38
C GLN A 241 -37.18 18.13 6.65
N ASP A 242 -36.89 19.11 7.50
CA ASP A 242 -37.81 20.20 7.88
C ASP A 242 -38.25 21.04 6.69
N THR A 243 -37.46 21.17 5.64
CA THR A 243 -37.82 22.04 4.50
C THR A 243 -37.66 21.29 3.18
N ASP A 244 -37.26 20.02 3.20
CA ASP A 244 -36.81 19.37 1.93
C ASP A 244 -37.10 17.89 2.01
N THR A 245 -37.42 17.31 0.86
CA THR A 245 -37.43 15.85 0.63
C THR A 245 -35.97 15.40 0.68
N VAL A 246 -35.76 14.23 1.25
CA VAL A 246 -34.49 13.48 1.24
C VAL A 246 -34.87 12.07 0.74
N GLU A 247 -34.15 11.55 -0.23
CA GLU A 247 -34.42 10.22 -0.81
C GLU A 247 -33.21 9.32 -0.60
N ALA A 248 -33.50 8.04 -0.49
CA ALA A 248 -32.55 6.95 -0.41
C ALA A 248 -32.47 6.35 -1.81
N TYR A 249 -31.27 6.38 -2.39
CA TYR A 249 -30.93 5.86 -3.73
C TYR A 249 -30.22 4.53 -3.51
N ARG A 250 -30.78 3.45 -4.06
CA ARG A 250 -30.25 2.09 -3.87
C ARG A 250 -29.34 1.73 -5.02
N MET A 251 -28.10 1.47 -4.67
CA MET A 251 -27.02 1.03 -5.56
C MET A 251 -27.51 -0.08 -6.49
N GLN A 252 -26.90 -0.12 -7.67
CA GLN A 252 -26.96 -1.27 -8.60
C GLN A 252 -25.62 -2.00 -8.52
N GLY A 253 -24.56 -1.38 -7.96
CA GLY A 253 -23.16 -1.88 -8.00
C GLY A 253 -22.80 -2.56 -6.68
N GLN A 254 -21.51 -2.63 -6.34
CA GLN A 254 -20.99 -3.41 -5.18
C GLN A 254 -20.00 -2.53 -4.39
N THR A 255 -20.04 -2.56 -3.05
CA THR A 255 -19.13 -1.74 -2.19
C THR A 255 -18.03 -2.62 -1.60
N PHE A 256 -16.91 -2.02 -1.21
CA PHE A 256 -15.81 -2.67 -0.47
C PHE A 256 -15.32 -1.70 0.58
N ASP A 257 -15.36 -2.14 1.84
CA ASP A 257 -14.94 -1.29 2.98
C ASP A 257 -13.45 -1.57 3.21
N CYS A 258 -12.56 -0.69 2.72
CA CYS A 258 -11.09 -0.80 2.82
C CYS A 258 -10.63 -0.35 4.21
N GLY A 259 -11.35 0.57 4.83
CA GLY A 259 -11.13 0.93 6.25
C GLY A 259 -11.02 -0.30 7.14
N SER A 260 -11.49 -1.47 6.69
CA SER A 260 -11.50 -2.75 7.47
C SER A 260 -10.73 -3.86 6.72
N LYS A 261 -9.58 -4.28 7.29
CA LYS A 261 -8.59 -5.27 6.75
C LYS A 261 -9.25 -6.40 5.92
N LEU A 262 -10.39 -6.96 6.28
CA LEU A 262 -10.99 -8.08 5.48
C LEU A 262 -11.70 -7.58 4.19
N GLY A 263 -12.35 -6.42 4.23
CA GLY A 263 -12.97 -5.79 3.06
C GLY A 263 -11.92 -5.17 2.16
N TYR A 264 -10.77 -4.78 2.69
CA TYR A 264 -9.55 -4.48 1.89
C TYR A 264 -9.13 -5.72 1.08
N LEU A 265 -8.80 -6.82 1.76
CA LEU A 265 -8.43 -8.12 1.10
C LEU A 265 -9.52 -8.47 0.07
N LYS A 266 -10.77 -8.11 0.31
CA LYS A 266 -11.87 -8.51 -0.61
C LYS A 266 -11.77 -7.65 -1.91
N ALA A 267 -11.53 -6.35 -1.79
CA ALA A 267 -11.30 -5.43 -2.94
C ALA A 267 -10.07 -5.93 -3.71
N VAL A 268 -8.97 -6.23 -3.03
CA VAL A 268 -7.74 -6.64 -3.76
C VAL A 268 -8.10 -7.84 -4.63
N LEU A 269 -8.90 -8.77 -4.12
CA LEU A 269 -9.24 -10.01 -4.87
C LEU A 269 -10.15 -9.70 -6.06
N HIS A 270 -11.17 -8.87 -5.84
CA HIS A 270 -12.19 -8.54 -6.88
C HIS A 270 -11.60 -7.61 -7.93
N TYR A 271 -10.94 -6.51 -7.52
CA TYR A 271 -10.29 -5.55 -8.46
C TYR A 271 -9.14 -6.24 -9.21
N GLY A 272 -8.25 -6.94 -8.51
CA GLY A 272 -7.17 -7.78 -9.06
C GLY A 272 -7.66 -8.68 -10.20
N LEU A 273 -8.74 -9.43 -9.98
CA LEU A 273 -9.30 -10.36 -11.01
C LEU A 273 -9.84 -9.58 -12.22
N GLU A 274 -10.31 -8.35 -12.00
CA GLU A 274 -10.84 -7.48 -13.07
C GLU A 274 -9.71 -6.66 -13.72
N HIS A 275 -8.45 -6.81 -13.29
CA HIS A 275 -7.41 -5.88 -13.80
C HIS A 275 -7.22 -6.15 -15.30
N PRO A 276 -7.35 -5.11 -16.16
CA PRO A 276 -7.45 -5.34 -17.61
C PRO A 276 -6.13 -5.91 -18.14
N LYS A 277 -5.06 -5.73 -17.35
CA LYS A 277 -3.69 -6.17 -17.70
C LYS A 277 -3.25 -7.36 -16.84
N LEU A 278 -3.62 -7.46 -15.55
CA LEU A 278 -3.11 -8.54 -14.63
C LEU A 278 -4.16 -9.61 -14.33
N GLY A 279 -5.42 -9.37 -14.66
CA GLY A 279 -6.58 -10.19 -14.21
C GLY A 279 -6.29 -11.67 -14.37
N MET A 280 -6.02 -12.10 -15.60
CA MET A 280 -5.90 -13.53 -15.95
C MET A 280 -4.65 -14.14 -15.30
N GLU A 281 -3.51 -13.43 -15.29
CA GLU A 281 -2.30 -13.95 -14.60
C GLU A 281 -2.59 -14.04 -13.10
N PHE A 282 -3.34 -13.09 -12.54
CA PHE A 282 -3.75 -13.10 -11.11
C PHE A 282 -4.65 -14.31 -10.81
N LYS A 283 -5.56 -14.67 -11.71
CA LYS A 283 -6.46 -15.86 -11.59
C LYS A 283 -5.60 -17.12 -11.40
N GLN A 284 -4.66 -17.33 -12.31
CA GLN A 284 -3.68 -18.45 -12.33
C GLN A 284 -2.97 -18.54 -10.96
N LEU A 285 -2.49 -17.41 -10.42
CA LEU A 285 -1.79 -17.39 -9.12
C LEU A 285 -2.68 -18.00 -8.05
N ILE A 286 -3.98 -17.67 -8.09
CA ILE A 286 -4.98 -18.11 -7.07
C ILE A 286 -5.19 -19.62 -7.20
N LEU A 287 -5.33 -20.11 -8.44
CA LEU A 287 -5.59 -21.55 -8.75
C LEU A 287 -4.42 -22.40 -8.24
N GLU A 288 -3.19 -22.01 -8.57
CA GLU A 288 -1.92 -22.56 -8.02
C GLU A 288 -1.95 -22.68 -6.49
N LEU A 289 -2.74 -21.89 -5.77
CA LEU A 289 -2.77 -21.96 -4.29
C LEU A 289 -3.04 -23.42 -3.86
N LYS A 290 -3.81 -24.16 -4.67
CA LYS A 290 -3.89 -25.64 -4.65
C LYS A 290 -4.08 -26.14 -6.09
N MET B 1 28.22 -11.89 16.24
CA MET B 1 29.27 -11.29 15.38
C MET B 1 28.67 -10.37 14.30
N ILE B 2 27.70 -10.82 13.50
CA ILE B 2 27.06 -9.98 12.42
C ILE B 2 25.85 -9.26 13.03
N LYS B 3 26.00 -7.96 13.27
CA LYS B 3 25.07 -7.14 14.06
C LYS B 3 24.52 -5.97 13.22
N LYS B 4 25.17 -5.62 12.11
CA LYS B 4 24.75 -4.50 11.20
C LYS B 4 24.16 -5.08 9.92
N ALA B 5 23.10 -4.48 9.40
CA ALA B 5 22.53 -4.77 8.06
C ALA B 5 22.24 -3.48 7.30
N VAL B 6 22.68 -3.41 6.05
CA VAL B 6 22.50 -2.21 5.19
C VAL B 6 21.30 -2.56 4.32
N LEU B 7 20.27 -1.70 4.37
CA LEU B 7 19.02 -1.85 3.55
C LEU B 7 19.03 -0.67 2.58
N PRO B 8 19.39 -0.92 1.30
CA PRO B 8 19.45 0.16 0.32
C PRO B 8 18.02 0.46 -0.15
N VAL B 9 17.50 1.64 0.18
CA VAL B 9 16.07 1.96 -0.06
C VAL B 9 15.93 3.33 -0.76
N ALA B 10 16.97 3.82 -1.41
CA ALA B 10 17.02 5.16 -2.04
C ALA B 10 16.39 5.16 -3.43
N GLY B 11 16.22 3.98 -4.03
CA GLY B 11 15.61 3.82 -5.36
C GLY B 11 14.16 4.27 -5.42
N LEU B 12 13.79 4.97 -6.48
CA LEU B 12 12.40 5.45 -6.71
C LEU B 12 11.46 4.30 -7.11
N GLY B 13 11.94 3.28 -7.80
CA GLY B 13 11.07 2.13 -8.16
C GLY B 13 9.98 2.53 -9.12
N THR B 14 10.41 2.77 -10.35
CA THR B 14 9.54 2.94 -11.54
C THR B 14 8.94 1.59 -11.94
N ARG B 15 9.26 0.51 -11.27
CA ARG B 15 8.70 -0.81 -11.59
C ARG B 15 7.31 -1.11 -11.03
N PHE B 16 7.02 -0.68 -9.82
CA PHE B 16 5.68 -0.84 -9.26
C PHE B 16 5.21 0.59 -9.16
N LEU B 17 5.21 1.24 -10.31
CA LEU B 17 5.02 2.65 -10.41
C LEU B 17 3.84 3.38 -10.00
N PRO B 18 2.63 2.98 -10.40
CA PRO B 18 1.47 3.77 -9.97
C PRO B 18 1.43 3.76 -8.45
N ALA B 19 1.49 2.58 -7.87
CA ALA B 19 1.45 2.42 -6.45
C ALA B 19 2.50 3.18 -5.67
N SER B 20 3.71 3.29 -6.19
CA SER B 20 4.77 3.97 -5.51
C SER B 20 5.02 5.36 -6.01
N LYS B 21 4.06 5.95 -6.65
CA LYS B 21 4.26 7.30 -7.21
C LYS B 21 4.52 8.29 -6.08
N SER B 22 3.75 8.22 -4.98
CA SER B 22 3.65 9.29 -3.95
C SER B 22 4.02 8.76 -2.56
N ILE B 23 4.18 7.44 -2.48
CA ILE B 23 4.74 6.73 -1.28
C ILE B 23 5.95 5.92 -1.72
N PRO B 24 6.87 5.60 -0.79
CA PRO B 24 7.99 4.72 -1.09
C PRO B 24 7.42 3.37 -1.50
N LYS B 25 8.03 2.69 -2.46
CA LYS B 25 7.65 1.30 -2.82
C LYS B 25 7.97 0.34 -1.66
N GLU B 26 8.83 0.75 -0.71
CA GLU B 26 9.08 -0.07 0.50
C GLU B 26 7.89 0.04 1.49
N MET B 27 6.96 1.02 1.32
CA MET B 27 5.81 1.27 2.22
C MET B 27 4.53 0.70 1.58
N VAL B 28 4.71 -0.06 0.52
CA VAL B 28 3.58 -0.71 -0.18
C VAL B 28 3.00 -1.79 0.73
N THR B 29 1.66 -1.86 0.74
CA THR B 29 0.82 -2.62 1.67
C THR B 29 0.81 -4.10 1.24
N VAL B 30 1.24 -4.98 2.15
CA VAL B 30 1.32 -6.46 1.97
C VAL B 30 0.42 -7.08 3.06
N VAL B 31 -0.85 -7.34 2.71
CA VAL B 31 -1.95 -7.77 3.64
C VAL B 31 -2.39 -6.63 4.55
N ASP B 32 -1.54 -6.17 5.49
CA ASP B 32 -1.92 -5.16 6.52
C ASP B 32 -0.75 -4.30 6.97
N ARG B 33 0.43 -4.45 6.37
CA ARG B 33 1.66 -3.75 6.83
C ARG B 33 2.52 -3.45 5.60
N PRO B 34 3.41 -2.44 5.67
CA PRO B 34 4.31 -2.15 4.57
C PRO B 34 5.28 -3.34 4.36
N ALA B 35 5.69 -3.59 3.10
CA ALA B 35 6.68 -4.61 2.67
C ALA B 35 7.95 -4.54 3.54
N ILE B 36 8.43 -3.36 3.81
CA ILE B 36 9.71 -3.19 4.56
C ILE B 36 9.62 -3.95 5.90
N GLU B 37 8.46 -4.07 6.54
CA GLU B 37 8.42 -4.63 7.92
C GLU B 37 8.83 -6.10 7.83
N TYR B 38 8.46 -6.78 6.74
CA TYR B 38 8.86 -8.19 6.51
C TYR B 38 10.39 -8.40 6.37
N VAL B 39 11.14 -7.39 5.93
CA VAL B 39 12.60 -7.47 5.64
C VAL B 39 13.34 -7.14 6.93
N VAL B 40 12.97 -6.02 7.55
CA VAL B 40 13.47 -5.68 8.91
C VAL B 40 13.17 -6.84 9.87
N ARG B 41 11.97 -7.41 9.83
CA ARG B 41 11.66 -8.64 10.59
C ARG B 41 12.68 -9.74 10.30
N GLU B 42 12.92 -10.04 9.02
CA GLU B 42 13.87 -11.08 8.55
C GLU B 42 15.24 -10.83 9.19
N ALA B 43 15.75 -9.60 9.10
CA ALA B 43 17.06 -9.20 9.66
C ALA B 43 17.09 -9.45 11.17
N VAL B 44 16.00 -9.14 11.87
CA VAL B 44 15.97 -9.16 13.36
C VAL B 44 15.87 -10.62 13.85
N GLU B 45 15.09 -11.47 13.18
CA GLU B 45 15.01 -12.91 13.51
C GLU B 45 16.33 -13.61 13.19
N ALA B 46 17.31 -12.92 12.63
CA ALA B 46 18.62 -13.47 12.23
C ALA B 46 19.73 -12.78 13.01
N GLY B 47 19.43 -11.85 13.93
CA GLY B 47 20.38 -11.37 14.94
C GLY B 47 20.90 -9.95 14.72
N ILE B 48 20.33 -9.21 13.78
CA ILE B 48 20.75 -7.80 13.53
C ILE B 48 20.16 -6.91 14.64
N GLU B 49 20.83 -5.80 14.93
CA GLU B 49 20.52 -4.87 16.04
C GLU B 49 20.72 -3.42 15.60
N GLN B 50 21.29 -3.21 14.40
CA GLN B 50 21.40 -1.89 13.71
C GLN B 50 20.99 -2.06 12.25
N ILE B 51 19.72 -1.75 11.91
CA ILE B 51 19.19 -1.55 10.53
C ILE B 51 19.75 -0.22 10.01
N ILE B 52 20.62 -0.26 8.98
CA ILE B 52 21.17 0.97 8.31
C ILE B 52 20.36 1.24 7.03
N LEU B 53 19.49 2.24 7.04
CA LEU B 53 18.71 2.66 5.85
C LEU B 53 19.61 3.59 5.04
N VAL B 54 19.91 3.18 3.81
CA VAL B 54 20.56 4.07 2.81
C VAL B 54 19.43 4.62 1.94
N THR B 55 19.05 5.85 2.23
CA THR B 55 17.70 6.34 1.89
C THR B 55 17.70 7.58 0.97
N HIS B 56 16.49 7.97 0.56
CA HIS B 56 16.21 9.14 -0.30
C HIS B 56 15.34 10.15 0.47
N SER B 57 15.51 11.44 0.18
CA SER B 57 14.73 12.61 0.65
C SER B 57 13.21 12.39 0.62
N SER B 58 12.70 11.45 -0.15
CA SER B 58 11.25 11.19 -0.30
C SER B 58 10.77 10.03 0.59
N LYS B 59 11.67 9.38 1.34
CA LYS B 59 11.40 8.14 2.13
C LYS B 59 11.22 8.39 3.64
N ALA B 60 10.93 9.60 4.12
CA ALA B 60 10.71 9.90 5.57
C ALA B 60 9.79 8.84 6.19
N SER B 61 8.71 8.48 5.49
CA SER B 61 7.68 7.54 5.99
C SER B 61 8.30 6.20 6.38
N ILE B 62 9.39 5.76 5.74
CA ILE B 62 10.08 4.50 6.15
C ILE B 62 10.60 4.70 7.59
N GLU B 63 11.34 5.78 7.84
CA GLU B 63 11.95 6.04 9.17
C GLU B 63 10.83 6.21 10.22
N ASN B 64 9.75 6.88 9.85
CA ASN B 64 8.63 7.22 10.75
C ASN B 64 7.91 5.95 11.20
N TYR B 65 7.81 4.95 10.30
CA TYR B 65 7.26 3.61 10.59
C TYR B 65 8.01 2.95 11.78
N PHE B 66 9.30 3.21 11.95
CA PHE B 66 10.11 2.59 13.04
C PHE B 66 10.33 3.62 14.15
N ASP B 67 9.59 4.71 14.10
CA ASP B 67 9.61 5.72 15.18
C ASP B 67 8.20 5.74 15.80
N ARG B 68 8.00 6.59 16.81
CA ARG B 68 6.74 6.67 17.55
C ARG B 68 5.96 7.82 16.93
N ASN B 69 4.64 7.69 16.89
CA ASN B 69 3.75 8.67 16.23
C ASN B 69 2.87 9.25 17.33
N PHE B 70 3.20 10.44 17.83
CA PHE B 70 2.51 11.02 19.02
C PHE B 70 0.97 11.17 18.84
N GLU B 71 0.48 11.82 17.79
CA GLU B 71 -0.98 12.09 17.67
C GLU B 71 -1.70 10.76 17.47
N LEU B 72 -1.07 9.79 16.83
CA LEU B 72 -1.74 8.51 16.54
C LEU B 72 -1.86 7.75 17.86
N GLU B 73 -0.75 7.60 18.58
CA GLU B 73 -0.72 6.87 19.87
C GLU B 73 -1.78 7.52 20.77
N THR B 74 -1.77 8.83 20.99
CA THR B 74 -2.72 9.44 21.96
C THR B 74 -4.14 9.23 21.38
N THR B 75 -4.43 9.63 20.15
CA THR B 75 -5.77 9.34 19.54
C THR B 75 -6.20 7.92 19.94
N LEU B 76 -5.31 6.92 19.89
CA LEU B 76 -5.65 5.48 20.14
C LEU B 76 -5.89 5.24 21.65
N GLU B 77 -5.15 5.89 22.56
CA GLU B 77 -5.31 5.81 24.05
C GLU B 77 -6.66 6.44 24.48
N GLN B 78 -6.86 7.73 24.21
CA GLN B 78 -8.15 8.43 24.45
C GLN B 78 -9.17 8.06 23.36
N LYS B 79 -9.09 6.85 22.76
CA LYS B 79 -10.21 6.11 22.11
C LYS B 79 -10.15 4.64 22.58
N LYS B 80 -9.54 4.43 23.77
CA LYS B 80 -9.27 3.13 24.48
C LYS B 80 -9.23 1.93 23.51
N LYS B 81 -8.19 1.84 22.65
CA LYS B 81 -7.93 0.75 21.65
C LYS B 81 -6.46 0.29 21.72
N PHE B 82 -6.11 -0.58 22.68
CA PHE B 82 -4.72 -0.87 23.13
C PHE B 82 -4.11 -2.11 22.44
N ASP B 83 -4.91 -3.00 21.88
CA ASP B 83 -4.41 -4.05 20.97
C ASP B 83 -3.76 -3.37 19.75
N LEU B 84 -4.43 -2.36 19.19
CA LEU B 84 -3.94 -1.59 18.03
C LEU B 84 -2.67 -0.85 18.43
N LEU B 85 -2.66 -0.23 19.62
CA LEU B 85 -1.50 0.57 20.12
C LEU B 85 -0.24 -0.31 20.26
N ALA B 86 -0.40 -1.59 20.57
CA ALA B 86 0.71 -2.58 20.63
C ALA B 86 1.30 -2.75 19.23
N GLU B 87 0.43 -2.96 18.23
CA GLU B 87 0.78 -3.14 16.80
C GLU B 87 1.66 -1.99 16.24
N ILE B 88 1.60 -0.76 16.77
CA ILE B 88 2.38 0.39 16.21
C ILE B 88 3.51 0.86 17.13
N THR B 89 3.60 0.44 18.38
CA THR B 89 4.70 0.90 19.27
C THR B 89 5.80 -0.15 19.34
N GLN B 90 5.55 -1.43 19.09
CA GLN B 90 6.73 -2.33 19.27
C GLN B 90 6.99 -3.07 17.99
N ILE B 91 7.38 -2.33 16.95
CA ILE B 91 7.56 -2.94 15.61
C ILE B 91 8.88 -3.71 15.74
N VAL B 92 9.91 -3.10 16.32
CA VAL B 92 11.23 -3.75 16.54
C VAL B 92 11.57 -3.77 18.02
N PRO B 93 12.22 -4.84 18.52
CA PRO B 93 12.77 -4.89 19.88
C PRO B 93 13.54 -3.63 20.33
N GLU B 94 13.44 -3.29 21.61
CA GLU B 94 13.89 -1.98 22.17
C GLU B 94 15.38 -1.78 21.85
N HIS B 95 16.16 -2.85 21.74
CA HIS B 95 17.63 -2.83 21.51
C HIS B 95 18.00 -2.75 20.00
N VAL B 96 17.09 -3.09 19.08
CA VAL B 96 17.26 -2.84 17.61
C VAL B 96 17.19 -1.34 17.36
N SER B 97 18.24 -0.76 16.80
CA SER B 97 18.27 0.66 16.36
C SER B 97 18.18 0.77 14.83
N VAL B 98 17.41 1.76 14.36
CA VAL B 98 17.24 2.14 12.93
C VAL B 98 17.94 3.49 12.69
N ILE B 99 19.00 3.52 11.88
CA ILE B 99 19.69 4.80 11.50
C ILE B 99 19.61 5.00 9.98
N SER B 100 19.85 6.20 9.53
CA SER B 100 19.66 6.50 8.10
C SER B 100 20.78 7.42 7.65
N VAL B 101 21.19 7.18 6.41
CA VAL B 101 22.18 7.97 5.66
C VAL B 101 21.57 8.14 4.26
N ARG B 102 21.75 9.33 3.66
CA ARG B 102 21.18 9.66 2.33
C ARG B 102 22.12 9.13 1.24
N GLN B 103 21.60 8.38 0.27
CA GLN B 103 22.34 8.12 -0.97
C GLN B 103 22.12 9.35 -1.85
N PRO B 104 23.10 10.27 -1.95
CA PRO B 104 22.84 11.56 -2.58
C PRO B 104 22.42 11.46 -4.05
N GLN B 105 22.96 10.49 -4.83
CA GLN B 105 22.47 10.16 -6.21
C GLN B 105 22.30 8.66 -6.49
N PRO B 106 21.45 8.27 -7.47
CA PRO B 106 21.17 6.87 -7.76
C PRO B 106 22.28 6.25 -8.60
N LEU B 107 23.35 5.84 -7.95
CA LEU B 107 24.56 5.33 -8.64
C LEU B 107 24.74 3.84 -8.36
N GLY B 108 23.62 3.15 -8.21
CA GLY B 108 23.61 1.68 -8.05
C GLY B 108 23.86 1.19 -6.63
N LEU B 109 23.68 -0.12 -6.48
CA LEU B 109 23.78 -0.86 -5.21
C LEU B 109 25.11 -0.55 -4.55
N GLY B 110 26.18 -0.53 -5.33
CA GLY B 110 27.55 -0.39 -4.79
C GLY B 110 27.76 1.01 -4.22
N HIS B 111 27.18 2.01 -4.84
CA HIS B 111 27.25 3.39 -4.31
C HIS B 111 26.50 3.43 -2.96
N ALA B 112 25.38 2.73 -2.86
CA ALA B 112 24.48 2.71 -1.68
C ALA B 112 25.22 2.07 -0.51
N VAL B 113 25.69 0.83 -0.67
CA VAL B 113 26.57 0.18 0.34
C VAL B 113 27.70 1.14 0.76
N LEU B 114 28.37 1.79 -0.16
CA LEU B 114 29.55 2.61 0.22
C LEU B 114 29.10 3.85 1.01
N CYS B 115 27.85 4.31 0.85
CA CYS B 115 27.28 5.46 1.62
C CYS B 115 27.23 5.15 3.13
N ALA B 116 27.13 3.88 3.49
CA ALA B 116 27.07 3.29 4.86
C ALA B 116 28.45 3.05 5.49
N LYS B 117 29.53 3.45 4.83
CA LYS B 117 30.93 3.15 5.26
C LYS B 117 31.16 3.70 6.67
N SER B 118 30.83 4.98 6.92
CA SER B 118 30.99 5.66 8.24
C SER B 118 30.22 4.96 9.36
N VAL B 119 29.22 4.11 9.08
CA VAL B 119 28.36 3.47 10.11
C VAL B 119 28.81 2.01 10.27
N VAL B 120 29.17 1.34 9.19
CA VAL B 120 29.62 -0.07 9.24
C VAL B 120 30.96 -0.09 9.98
N GLY B 121 31.79 0.93 9.78
CA GLY B 121 33.17 0.98 10.31
C GLY B 121 33.92 -0.31 10.02
N GLU B 122 34.37 -1.00 11.06
CA GLU B 122 35.27 -2.17 10.87
C GLU B 122 34.41 -3.44 10.94
N ASP B 123 33.10 -3.31 11.23
CA ASP B 123 32.23 -4.50 11.44
C ASP B 123 31.96 -5.17 10.10
N ASP B 124 31.91 -6.50 10.06
CA ASP B 124 31.32 -7.21 8.90
C ASP B 124 29.82 -6.94 8.99
N PHE B 125 29.04 -7.30 7.97
CA PHE B 125 27.69 -6.71 7.80
C PHE B 125 26.84 -7.48 6.81
N ALA B 126 25.52 -7.52 6.98
CA ALA B 126 24.56 -8.08 5.98
C ALA B 126 24.04 -6.94 5.08
N VAL B 127 23.55 -7.31 3.91
CA VAL B 127 22.92 -6.37 2.94
C VAL B 127 21.64 -7.04 2.53
N LEU B 128 20.52 -6.33 2.67
CA LEU B 128 19.19 -6.86 2.28
C LEU B 128 18.58 -5.85 1.30
N LEU B 129 18.12 -6.34 0.18
CA LEU B 129 17.44 -5.54 -0.87
C LEU B 129 15.95 -5.70 -0.58
N PRO B 130 15.32 -4.62 -0.09
CA PRO B 130 13.95 -4.71 0.41
C PRO B 130 12.84 -4.91 -0.61
N ASP B 131 13.16 -4.97 -1.89
CA ASP B 131 12.15 -5.25 -2.94
C ASP B 131 11.92 -6.75 -2.96
N VAL B 132 12.85 -7.52 -2.41
CA VAL B 132 12.71 -9.00 -2.37
C VAL B 132 12.27 -9.38 -0.96
N LEU B 133 11.20 -10.13 -0.88
CA LEU B 133 10.67 -10.68 0.39
C LEU B 133 11.10 -12.12 0.36
N VAL B 134 11.74 -12.60 1.43
CA VAL B 134 12.07 -14.04 1.66
C VAL B 134 11.19 -14.60 2.77
N LYS B 135 10.43 -15.64 2.45
CA LYS B 135 9.58 -16.40 3.37
C LYS B 135 10.25 -17.75 3.72
N ASP B 136 10.50 -17.98 5.00
CA ASP B 136 10.98 -19.25 5.60
C ASP B 136 9.78 -20.07 6.12
N GLY B 137 9.77 -21.37 5.89
CA GLY B 137 8.85 -22.32 6.56
C GLY B 137 9.60 -23.27 7.49
N SER B 138 10.92 -23.09 7.67
CA SER B 138 11.83 -24.04 8.37
C SER B 138 12.00 -23.63 9.84
N GLY B 139 11.86 -22.34 10.17
CA GLY B 139 12.13 -21.85 11.53
C GLY B 139 13.57 -21.45 11.74
N GLN B 140 14.49 -21.69 10.81
CA GLN B 140 15.77 -20.92 10.72
C GLN B 140 15.77 -20.19 9.38
N ASN B 141 15.73 -18.85 9.35
CA ASN B 141 15.55 -18.06 8.08
C ASN B 141 16.87 -18.13 7.27
N ASP B 142 16.74 -17.98 5.94
CA ASP B 142 17.88 -18.16 5.00
C ASP B 142 19.01 -17.22 5.41
N LEU B 143 18.68 -16.00 5.83
CA LEU B 143 19.71 -14.99 6.24
C LEU B 143 20.49 -15.49 7.48
N SER B 144 19.84 -16.19 8.43
CA SER B 144 20.52 -16.75 9.62
C SER B 144 21.45 -17.90 9.20
N ARG B 145 20.99 -18.86 8.39
CA ARG B 145 21.84 -19.94 7.80
C ARG B 145 23.04 -19.26 7.14
N MET B 146 22.78 -18.25 6.32
CA MET B 146 23.86 -17.57 5.54
C MET B 146 24.84 -16.88 6.49
N ILE B 147 24.36 -16.37 7.62
CA ILE B 147 25.26 -15.70 8.61
C ILE B 147 26.09 -16.75 9.39
N SER B 148 25.47 -17.86 9.80
CA SER B 148 26.17 -19.05 10.36
C SER B 148 27.37 -19.35 9.46
N ARG B 149 27.10 -19.69 8.20
CA ARG B 149 28.13 -20.01 7.20
C ARG B 149 29.23 -18.94 7.17
N TYR B 150 28.89 -17.62 7.07
CA TYR B 150 29.94 -16.56 7.01
C TYR B 150 30.84 -16.80 8.23
N ASN B 151 30.25 -16.91 9.42
CA ASN B 151 31.03 -16.91 10.69
C ASN B 151 31.97 -18.13 10.65
N SER B 152 31.47 -19.34 10.41
CA SER B 152 32.24 -20.59 10.15
C SER B 152 33.37 -20.37 9.13
N SER B 153 33.02 -20.09 7.87
CA SER B 153 33.96 -20.10 6.71
C SER B 153 34.83 -18.84 6.72
N GLN B 154 34.31 -17.74 7.23
CA GLN B 154 34.86 -16.38 7.00
C GLN B 154 34.78 -16.04 5.49
N ALA B 155 34.01 -16.77 4.70
CA ALA B 155 33.82 -16.52 3.24
C ALA B 155 32.58 -15.67 3.03
N ALA B 156 32.74 -14.55 2.32
CA ALA B 156 31.66 -13.66 1.83
C ALA B 156 30.55 -14.57 1.28
N GLN B 157 29.27 -14.25 1.56
CA GLN B 157 28.12 -15.09 1.13
C GLN B 157 27.18 -14.26 0.24
N ILE B 158 26.76 -14.85 -0.87
CA ILE B 158 25.81 -14.31 -1.89
C ILE B 158 24.65 -15.28 -1.93
N MET B 159 23.45 -14.84 -1.58
CA MET B 159 22.28 -15.74 -1.52
C MET B 159 21.82 -15.95 -2.95
N VAL B 160 21.44 -17.18 -3.29
CA VAL B 160 21.00 -17.54 -4.67
C VAL B 160 19.94 -18.63 -4.63
N GLU B 161 19.25 -18.76 -5.75
CA GLU B 161 18.01 -19.53 -5.94
C GLU B 161 17.98 -19.86 -7.45
N ALA B 162 17.81 -21.14 -7.78
CA ALA B 162 17.75 -21.67 -9.16
C ALA B 162 16.53 -21.05 -9.86
N VAL B 163 16.68 -20.69 -11.12
CA VAL B 163 15.59 -20.15 -11.98
C VAL B 163 15.45 -21.09 -13.18
N PRO B 164 14.27 -21.17 -13.82
CA PRO B 164 14.15 -21.93 -15.05
C PRO B 164 15.26 -21.50 -16.03
N ASP B 165 15.68 -22.43 -16.90
CA ASP B 165 16.84 -22.25 -17.81
C ASP B 165 16.57 -21.10 -18.78
N HIS B 166 15.30 -20.84 -19.07
CA HIS B 166 14.91 -19.89 -20.13
C HIS B 166 14.75 -18.48 -19.60
N LEU B 167 15.22 -18.20 -18.38
CA LEU B 167 15.05 -16.89 -17.68
C LEU B 167 16.37 -16.46 -17.04
N VAL B 168 17.45 -17.22 -17.22
CA VAL B 168 18.80 -16.86 -16.69
C VAL B 168 19.14 -15.47 -17.26
N ASP B 169 18.58 -15.20 -18.45
CA ASP B 169 18.46 -13.90 -19.18
C ASP B 169 18.23 -12.71 -18.24
N GLN B 170 17.52 -12.91 -17.14
CA GLN B 170 16.83 -11.82 -16.39
C GLN B 170 17.60 -11.41 -15.14
N TYR B 171 18.60 -12.19 -14.71
CA TYR B 171 19.22 -12.11 -13.36
C TYR B 171 20.73 -12.08 -13.45
N GLY B 172 21.38 -11.64 -12.38
CA GLY B 172 22.77 -12.02 -12.09
C GLY B 172 22.80 -13.51 -11.85
N ILE B 173 23.79 -14.20 -12.41
CA ILE B 173 23.96 -15.67 -12.25
C ILE B 173 25.36 -15.95 -11.72
N VAL B 174 25.46 -16.82 -10.70
CA VAL B 174 26.78 -17.08 -10.02
C VAL B 174 27.53 -18.11 -10.86
N ASP B 175 28.83 -17.87 -10.99
CA ASP B 175 29.78 -18.76 -11.70
C ASP B 175 30.23 -19.82 -10.70
N VAL B 176 29.66 -21.00 -10.82
CA VAL B 176 29.81 -22.07 -9.79
C VAL B 176 29.97 -23.42 -10.52
N ALA B 177 30.92 -24.26 -10.04
CA ALA B 177 31.26 -25.59 -10.63
C ALA B 177 30.06 -26.52 -10.55
N GLN B 178 29.48 -26.68 -9.35
CA GLN B 178 28.28 -27.52 -9.09
C GLN B 178 27.23 -26.70 -8.30
N SER B 179 25.94 -26.94 -8.47
CA SER B 179 24.90 -26.37 -7.57
C SER B 179 25.14 -26.88 -6.15
N PRO B 180 25.28 -25.99 -5.16
CA PRO B 180 25.16 -26.45 -3.78
C PRO B 180 23.73 -26.99 -3.54
N ASN B 181 23.52 -27.81 -2.52
CA ASN B 181 22.16 -28.19 -2.02
C ASN B 181 21.44 -27.03 -1.32
N GLU B 182 20.12 -27.09 -1.29
CA GLU B 182 19.27 -26.17 -0.52
C GLU B 182 19.86 -26.11 0.89
N GLY B 183 20.18 -24.92 1.39
CA GLY B 183 20.69 -24.69 2.76
C GLY B 183 22.20 -24.56 2.83
N GLU B 184 22.91 -24.76 1.72
CA GLU B 184 24.39 -24.93 1.75
C GLU B 184 25.04 -23.96 0.76
N SER B 185 26.32 -23.70 0.99
CA SER B 185 27.22 -22.81 0.21
C SER B 185 28.23 -23.64 -0.59
N ILE B 186 28.77 -23.08 -1.67
CA ILE B 186 30.04 -23.50 -2.32
C ILE B 186 30.73 -22.24 -2.83
N ALA B 187 32.04 -22.36 -3.08
CA ALA B 187 32.94 -21.35 -3.70
C ALA B 187 32.39 -20.89 -5.07
N MET B 188 32.63 -19.62 -5.42
CA MET B 188 32.13 -19.01 -6.67
C MET B 188 33.22 -18.07 -7.22
N GLN B 189 33.37 -18.03 -8.55
CA GLN B 189 34.47 -17.30 -9.23
C GLN B 189 34.00 -15.87 -9.59
N GLY B 190 32.69 -15.71 -9.82
CA GLY B 190 32.04 -14.41 -10.11
C GLY B 190 30.57 -14.54 -10.42
N ILE B 191 29.93 -13.41 -10.75
CA ILE B 191 28.49 -13.36 -11.18
C ILE B 191 28.51 -12.79 -12.59
N VAL B 192 27.55 -13.14 -13.43
CA VAL B 192 27.42 -12.61 -14.81
C VAL B 192 26.04 -11.94 -14.94
N GLU B 193 25.95 -10.63 -15.21
CA GLU B 193 24.64 -9.93 -15.29
C GLU B 193 23.98 -10.39 -16.60
N LYS B 194 22.79 -10.98 -16.51
CA LYS B 194 21.92 -11.38 -17.64
C LYS B 194 22.78 -12.07 -18.70
N PRO B 195 23.32 -13.26 -18.42
CA PRO B 195 23.99 -14.03 -19.46
C PRO B 195 22.91 -14.40 -20.45
N PRO B 196 23.23 -14.49 -21.77
CA PRO B 196 22.29 -15.02 -22.75
C PRO B 196 21.90 -16.49 -22.46
N VAL B 197 20.64 -16.82 -22.75
CA VAL B 197 20.01 -18.13 -22.43
C VAL B 197 21.00 -19.26 -22.74
N GLY B 198 21.80 -19.13 -23.78
CA GLY B 198 22.84 -20.12 -24.11
C GLY B 198 23.87 -20.31 -22.99
N ALA B 199 24.46 -19.20 -22.49
CA ALA B 199 25.88 -19.10 -22.07
C ALA B 199 26.05 -19.07 -20.54
N ALA B 200 25.03 -19.43 -19.77
CA ALA B 200 25.01 -19.26 -18.29
C ALA B 200 25.92 -20.27 -17.59
N PRO B 201 26.72 -19.85 -16.59
CA PRO B 201 27.51 -20.78 -15.79
C PRO B 201 26.75 -21.56 -14.70
N SER B 202 25.46 -21.27 -14.52
CA SER B 202 24.54 -22.00 -13.61
C SER B 202 23.11 -21.55 -13.92
N ASN B 203 22.14 -22.07 -13.19
CA ASN B 203 20.78 -21.49 -13.13
C ASN B 203 20.56 -20.75 -11.80
N LEU B 204 21.59 -20.59 -10.97
CA LEU B 204 21.51 -19.98 -9.62
C LEU B 204 21.51 -18.46 -9.76
N SER B 205 20.36 -17.80 -9.59
CA SER B 205 20.23 -16.31 -9.65
C SER B 205 20.62 -15.66 -8.31
N VAL B 206 21.23 -14.48 -8.38
CA VAL B 206 21.49 -13.60 -7.21
C VAL B 206 20.15 -13.03 -6.78
N VAL B 207 19.79 -13.23 -5.52
CA VAL B 207 18.41 -13.02 -4.97
C VAL B 207 18.29 -11.64 -4.31
N GLY B 208 19.39 -11.10 -3.80
CA GLY B 208 19.47 -9.80 -3.11
C GLY B 208 19.71 -9.89 -1.59
N ARG B 209 20.42 -10.92 -1.08
CA ARG B 209 20.92 -11.01 0.31
C ARG B 209 22.41 -11.37 0.31
N TYR B 210 23.26 -10.53 0.89
CA TYR B 210 24.72 -10.73 0.95
C TYR B 210 25.17 -10.64 2.42
N VAL B 211 26.25 -11.35 2.77
CA VAL B 211 27.12 -11.09 3.97
C VAL B 211 28.53 -10.79 3.47
N LEU B 212 29.07 -9.64 3.83
CA LEU B 212 30.27 -9.01 3.27
C LEU B 212 31.17 -8.60 4.42
N PRO B 213 32.52 -8.70 4.26
CA PRO B 213 33.46 -8.07 5.18
C PRO B 213 33.62 -6.55 5.03
N ALA B 214 33.95 -5.87 6.13
CA ALA B 214 34.15 -4.41 6.16
C ALA B 214 35.00 -3.93 4.97
N LYS B 215 35.92 -4.78 4.52
CA LYS B 215 37.03 -4.42 3.58
C LYS B 215 36.49 -4.26 2.14
N ILE B 216 35.27 -4.72 1.83
CA ILE B 216 34.60 -4.43 0.52
C ILE B 216 34.39 -2.91 0.32
N MET B 217 34.28 -2.14 1.42
CA MET B 217 34.12 -0.66 1.37
C MET B 217 35.33 -0.04 0.63
N GLN B 218 36.54 -0.52 0.92
CA GLN B 218 37.81 0.02 0.36
C GLN B 218 37.82 -0.34 -1.14
N LEU B 219 37.63 -1.63 -1.43
CA LEU B 219 37.34 -2.17 -2.78
C LEU B 219 36.34 -1.24 -3.48
N LEU B 220 35.17 -0.92 -2.87
CA LEU B 220 34.09 -0.12 -3.52
C LEU B 220 34.57 1.30 -3.86
N GLU B 221 35.59 1.81 -3.17
CA GLU B 221 36.21 3.12 -3.51
C GLU B 221 37.13 3.01 -4.74
N ASN B 222 37.30 1.82 -5.36
CA ASN B 222 38.30 1.60 -6.46
C ASN B 222 37.73 0.86 -7.67
N THR B 223 36.42 0.59 -7.77
CA THR B 223 35.85 -0.29 -8.83
C THR B 223 36.32 0.19 -10.21
N PRO B 224 36.38 -0.71 -11.23
CA PRO B 224 36.47 -0.29 -12.63
C PRO B 224 35.11 0.17 -13.17
N GLU B 230 29.20 5.99 -10.47
CA GLU B 230 28.61 4.75 -11.05
C GLU B 230 29.36 3.50 -10.53
N ILE B 231 28.86 2.85 -9.45
CA ILE B 231 29.63 1.86 -8.63
C ILE B 231 28.84 0.56 -8.48
N GLN B 232 29.40 -0.54 -8.99
CA GLN B 232 28.80 -1.89 -9.13
C GLN B 232 29.36 -2.84 -8.06
N LEU B 233 28.48 -3.43 -7.27
CA LEU B 233 28.89 -4.29 -6.13
C LEU B 233 29.56 -5.56 -6.67
N THR B 234 29.05 -6.15 -7.76
CA THR B 234 29.58 -7.42 -8.36
C THR B 234 31.06 -7.32 -8.73
N ASP B 235 31.53 -6.10 -9.05
CA ASP B 235 32.94 -5.71 -9.35
C ASP B 235 33.79 -5.69 -8.08
N ALA B 236 33.29 -5.03 -7.04
CA ALA B 236 33.92 -5.11 -5.71
C ALA B 236 34.01 -6.59 -5.28
N ILE B 237 33.02 -7.43 -5.62
CA ILE B 237 33.01 -8.86 -5.18
C ILE B 237 34.11 -9.62 -5.95
N ALA B 238 34.21 -9.41 -7.27
CA ALA B 238 35.34 -9.85 -8.12
C ALA B 238 36.68 -9.51 -7.46
N MET B 239 36.92 -8.23 -7.14
CA MET B 239 38.19 -7.75 -6.54
C MET B 239 38.48 -8.54 -5.27
N LEU B 240 37.48 -8.69 -4.39
CA LEU B 240 37.57 -9.48 -3.15
C LEU B 240 38.04 -10.89 -3.45
N GLN B 241 37.51 -11.50 -4.52
CA GLN B 241 37.93 -12.83 -5.04
C GLN B 241 39.46 -13.01 -5.12
N ASP B 242 40.22 -11.93 -5.41
CA ASP B 242 41.69 -11.94 -5.66
C ASP B 242 42.47 -11.98 -4.33
N THR B 243 41.96 -12.63 -3.29
CA THR B 243 42.51 -12.52 -1.91
C THR B 243 41.75 -13.43 -0.94
N ASP B 244 40.42 -13.50 -1.09
CA ASP B 244 39.51 -14.19 -0.15
C ASP B 244 38.59 -15.08 -0.99
N THR B 245 38.22 -16.23 -0.43
CA THR B 245 37.06 -17.07 -0.83
C THR B 245 35.75 -16.31 -0.72
N VAL B 246 35.04 -16.16 -1.82
CA VAL B 246 33.59 -15.79 -1.84
C VAL B 246 32.76 -17.06 -2.08
N GLU B 247 31.63 -17.26 -1.42
CA GLU B 247 30.77 -18.46 -1.62
C GLU B 247 29.36 -18.05 -2.05
N ALA B 248 28.71 -18.94 -2.80
CA ALA B 248 27.28 -18.83 -3.14
C ALA B 248 26.52 -19.69 -2.14
N TYR B 249 25.70 -19.03 -1.29
CA TYR B 249 24.71 -19.66 -0.39
C TYR B 249 23.42 -19.88 -1.17
N ARG B 250 22.90 -21.10 -1.19
CA ARG B 250 21.67 -21.42 -1.93
C ARG B 250 20.53 -21.56 -0.93
N MET B 251 19.49 -20.76 -1.12
CA MET B 251 18.42 -20.59 -0.11
C MET B 251 17.48 -21.78 -0.13
N GLN B 252 16.81 -21.95 1.01
CA GLN B 252 15.79 -22.99 1.31
C GLN B 252 14.43 -22.30 1.32
N GLY B 253 14.39 -21.01 1.66
CA GLY B 253 13.13 -20.27 1.64
C GLY B 253 12.60 -20.05 0.23
N GLN B 254 11.55 -19.23 0.12
CA GLN B 254 10.85 -18.83 -1.12
C GLN B 254 10.88 -17.29 -1.24
N THR B 255 10.93 -16.75 -2.46
CA THR B 255 11.08 -15.29 -2.75
C THR B 255 9.84 -14.71 -3.45
N PHE B 256 9.68 -13.41 -3.28
CA PHE B 256 8.64 -12.59 -3.94
C PHE B 256 9.26 -11.25 -4.28
N ASP B 257 9.44 -11.01 -5.57
CA ASP B 257 9.88 -9.69 -6.08
C ASP B 257 8.67 -8.76 -5.97
N CYS B 258 8.68 -7.92 -4.94
CA CYS B 258 7.61 -6.92 -4.68
C CYS B 258 7.75 -5.73 -5.61
N GLY B 259 8.83 -5.71 -6.38
CA GLY B 259 9.07 -4.70 -7.43
C GLY B 259 8.19 -4.94 -8.64
N SER B 260 7.86 -6.20 -8.91
CA SER B 260 6.99 -6.63 -10.02
C SER B 260 5.54 -6.84 -9.53
N LYS B 261 4.58 -6.33 -10.29
CA LYS B 261 3.14 -6.30 -9.96
C LYS B 261 2.66 -7.70 -9.60
N LEU B 262 3.20 -8.74 -10.26
CA LEU B 262 2.79 -10.15 -10.05
C LEU B 262 3.51 -10.81 -8.86
N GLY B 263 4.79 -10.54 -8.66
CA GLY B 263 5.49 -11.00 -7.46
C GLY B 263 4.88 -10.38 -6.22
N TYR B 264 4.44 -9.13 -6.31
CA TYR B 264 3.75 -8.43 -5.18
C TYR B 264 2.38 -9.10 -4.91
N LEU B 265 1.59 -9.42 -5.93
CA LEU B 265 0.28 -10.08 -5.69
C LEU B 265 0.48 -11.51 -5.14
N LYS B 266 1.57 -12.18 -5.49
CA LYS B 266 1.87 -13.53 -4.96
C LYS B 266 2.17 -13.38 -3.47
N ALA B 267 2.97 -12.39 -3.08
CA ALA B 267 3.20 -12.07 -1.64
C ALA B 267 1.87 -11.81 -0.92
N VAL B 268 0.93 -11.07 -1.52
CA VAL B 268 -0.37 -10.76 -0.82
C VAL B 268 -1.12 -12.06 -0.59
N LEU B 269 -1.26 -12.93 -1.59
CA LEU B 269 -1.88 -14.27 -1.43
C LEU B 269 -1.15 -15.09 -0.35
N HIS B 270 0.14 -15.40 -0.53
CA HIS B 270 0.87 -16.38 0.33
C HIS B 270 0.95 -15.89 1.78
N TYR B 271 1.35 -14.65 2.00
CA TYR B 271 1.46 -14.07 3.36
C TYR B 271 0.08 -13.92 4.03
N GLY B 272 -0.96 -13.67 3.22
CA GLY B 272 -2.34 -13.47 3.69
C GLY B 272 -2.95 -14.78 4.18
N LEU B 273 -2.73 -15.85 3.41
CA LEU B 273 -3.29 -17.22 3.64
C LEU B 273 -2.83 -17.70 5.01
N GLU B 274 -1.65 -17.21 5.44
CA GLU B 274 -0.98 -17.61 6.69
C GLU B 274 -0.99 -16.47 7.69
N HIS B 275 -1.75 -15.42 7.48
CA HIS B 275 -1.91 -14.39 8.55
C HIS B 275 -2.54 -15.09 9.76
N PRO B 276 -2.13 -14.82 11.02
CA PRO B 276 -2.71 -15.59 12.12
C PRO B 276 -4.25 -15.49 12.00
N LYS B 277 -4.75 -14.24 12.19
CA LYS B 277 -6.19 -13.86 12.31
C LYS B 277 -6.96 -13.97 10.99
N LEU B 278 -6.50 -13.23 9.96
CA LEU B 278 -7.23 -13.06 8.67
C LEU B 278 -7.07 -14.32 7.85
N GLY B 279 -6.06 -15.11 8.15
CA GLY B 279 -5.71 -16.33 7.40
C GLY B 279 -6.94 -17.07 6.98
N MET B 280 -7.79 -17.43 7.94
CA MET B 280 -8.95 -18.34 7.78
C MET B 280 -10.05 -17.59 7.01
N GLU B 281 -10.30 -16.37 7.43
CA GLU B 281 -11.31 -15.49 6.79
C GLU B 281 -10.88 -15.23 5.33
N PHE B 282 -9.59 -14.91 5.13
CA PHE B 282 -9.01 -14.67 3.78
C PHE B 282 -9.15 -15.94 2.95
N LYS B 283 -8.63 -17.04 3.49
CA LYS B 283 -8.79 -18.38 2.88
C LYS B 283 -10.23 -18.48 2.33
N GLN B 284 -11.23 -18.20 3.18
CA GLN B 284 -12.69 -18.28 2.86
C GLN B 284 -13.06 -17.27 1.75
N LEU B 285 -12.64 -16.00 1.84
CA LEU B 285 -12.86 -15.00 0.75
C LEU B 285 -12.46 -15.63 -0.59
N ILE B 286 -11.32 -16.31 -0.66
CA ILE B 286 -10.83 -16.87 -1.97
C ILE B 286 -11.80 -17.95 -2.48
N LEU B 287 -12.19 -18.90 -1.62
CA LEU B 287 -13.16 -20.00 -1.95
C LEU B 287 -14.46 -19.37 -2.48
N GLU B 288 -14.90 -18.27 -1.88
CA GLU B 288 -16.18 -17.60 -2.27
C GLU B 288 -16.08 -16.94 -3.68
N LEU B 289 -15.11 -17.29 -4.56
CA LEU B 289 -14.78 -16.55 -5.82
C LEU B 289 -15.01 -17.39 -7.08
N LYS B 290 -14.24 -18.47 -7.24
CA LYS B 290 -14.01 -19.14 -8.55
C LYS B 290 -15.34 -19.67 -9.09
C1 GOL C . -41.94 9.83 -8.27
O1 GOL C . -41.41 9.30 -7.06
C2 GOL C . -40.86 10.51 -9.10
O2 GOL C . -40.65 9.80 -10.32
C3 GOL C . -41.16 11.94 -9.41
O3 GOL C . -41.18 12.72 -8.22
S SO4 D . -22.04 11.74 10.83
O1 SO4 D . -21.46 13.03 10.56
O2 SO4 D . -22.06 10.93 9.63
O3 SO4 D . -21.26 11.07 11.84
O4 SO4 D . -23.39 11.91 11.30
S SO4 E . -9.90 23.82 21.38
O1 SO4 E . -9.15 24.96 21.86
O2 SO4 E . -10.37 24.14 20.04
O3 SO4 E . -11.02 23.59 22.27
O4 SO4 E . -9.08 22.63 21.36
S SO4 F . -9.83 6.62 11.09
O1 SO4 F . -11.18 7.07 10.79
O2 SO4 F . -8.88 7.35 10.28
O3 SO4 F . -9.71 5.20 10.83
O4 SO4 F . -9.55 6.92 12.47
S SO4 G . -12.63 12.48 8.29
O1 SO4 G . -11.76 11.38 7.91
O2 SO4 G . -12.40 13.58 7.39
O3 SO4 G . -12.31 12.90 9.64
O4 SO4 G . -14.00 12.06 8.25
S SO4 H . 10.95 16.39 -16.54
O1 SO4 H . 12.37 16.63 -16.62
O2 SO4 H . 10.22 17.57 -16.94
O3 SO4 H . 10.61 16.08 -15.17
O4 SO4 H . 10.58 15.29 -17.38
S SO4 I . -29.31 -0.57 -16.84
O1 SO4 I . -28.65 0.71 -16.93
O2 SO4 I . -29.59 -1.05 -18.16
O3 SO4 I . -30.53 -0.42 -16.11
O4 SO4 I . -28.45 -1.52 -16.16
S SO4 J . -20.22 14.41 -18.21
O1 SO4 J . -18.92 14.79 -17.74
O2 SO4 J . -20.28 14.57 -19.64
O3 SO4 J . -20.46 13.03 -17.89
O4 SO4 J . -21.22 15.24 -17.58
C1 EDO K . -1.90 8.61 11.34
O1 EDO K . -1.90 7.27 10.75
C2 EDO K . -0.73 9.54 11.13
O2 EDO K . -0.68 10.65 12.06
C1 GOL L . 25.70 -3.96 -9.19
O1 GOL L . 25.37 -4.93 -8.20
C2 GOL L . 25.02 -2.63 -8.92
O2 GOL L . 25.95 -1.54 -9.02
C3 GOL L . 23.84 -2.36 -9.84
O3 GOL L . 22.65 -2.02 -9.12
S SO4 M . 33.46 -27.28 4.36
O1 SO4 M . 34.17 -26.03 4.47
O2 SO4 M . 32.64 -27.27 3.16
O3 SO4 M . 32.62 -27.48 5.52
O4 SO4 M . 34.41 -28.37 4.27
S SO4 N . 13.20 0.16 -11.75
O1 SO4 N . 14.64 0.22 -11.69
O2 SO4 N . 12.79 0.11 -13.13
O3 SO4 N . 12.75 -1.03 -11.05
O4 SO4 N . 12.64 1.32 -11.11
S SO4 O . 14.63 1.44 -8.40
O1 SO4 O . 15.93 1.14 -7.83
O2 SO4 O . 14.77 2.31 -9.55
O3 SO4 O . 13.97 0.22 -8.80
O4 SO4 O . 13.81 2.11 -7.42
S SO4 P . 18.27 -30.42 -6.81
O1 SO4 P . 17.70 -31.16 -7.91
O2 SO4 P . 19.11 -29.38 -7.31
O3 SO4 P . 17.21 -29.85 -6.01
O4 SO4 P . 19.05 -31.31 -5.99
S SO4 Q . 8.59 1.22 16.98
O1 SO4 Q . 8.67 2.16 18.07
O2 SO4 Q . 9.52 1.60 15.96
O3 SO4 Q . 7.27 1.24 16.44
O4 SO4 Q . 8.92 -0.11 17.44
C1 EDO R . 15.65 -13.96 -7.76
O1 EDO R . 15.33 -15.31 -8.02
C2 EDO R . 14.50 -13.23 -7.17
O2 EDO R . 14.81 -11.93 -6.72
C1 EDO S . 5.89 10.39 2.18
O1 EDO S . 4.75 10.08 1.41
C2 EDO S . 6.85 9.27 2.13
O2 EDO S . 8.05 9.48 2.84
#